data_2V1Y
#
_entry.id   2V1Y
#
_cell.length_a   58.799
_cell.length_b   62.000
_cell.length_c   74.654
_cell.angle_alpha   90.00
_cell.angle_beta   90.00
_cell.angle_gamma   90.00
#
_symmetry.space_group_name_H-M   'P 21 21 21'
#
loop_
_entity.id
_entity.type
_entity.pdbx_description
1 polymer 'PHOSPHATIDYLINOSITOL-4,5-BISPHOSPHATE 3-KINASE CATALYTIC SUBUNIT ALPHA ISOFORM'
2 polymer 'PHOSPHATIDYLINOSITOL 3-KINASE REGULATORY SUBUNIT ALPHA'
3 water water
#
loop_
_entity_poly.entity_id
_entity_poly.type
_entity_poly.pdbx_seq_one_letter_code
_entity_poly.pdbx_strand_id
1 'polypeptide(L)'
;(MSE)PPRPSSGELWGIHL(MSE)PPRILVECLLPNG(MSE)IVTLECLREATLITIKHELFKEARKYPLHQLLQDESSY
IFVSVTQEAEREEFFDETRRLCDLRLFQPFLKVIEPVGNR
;
A
2 'polypeptide(L)'
;YQQDQVVKEDNIEAVGKKLHKYNTQFQEKSREYDRLYEEYTRTSQEIQ(MSE)KRTAIEAFNETIKIFEEQCQTQERYSK
EYIEKFKREGNEKEIQRI(MSE)HNYDKLKSRISEIIDSRRRLEEDLKKQAAEYREIDKR(MSE)NSIKPDLIQLRKTRD
QYL(MSE)WLTQKGVRQKKLNEWLGN
;
B
#
# COMPACT_ATOMS: atom_id res chain seq x y z
N MSE A 16 -4.10 0.59 14.87
CA MSE A 16 -4.23 -0.34 16.02
C MSE A 16 -4.78 0.41 17.26
O MSE A 16 -4.00 1.00 18.02
CB MSE A 16 -2.88 -1.01 16.36
CG MSE A 16 -2.45 -2.19 15.40
SE MSE A 16 -2.02 -3.99 16.26
CE MSE A 16 -1.95 -5.14 14.58
N PRO A 17 -6.12 0.42 17.46
CA PRO A 17 -6.69 0.87 18.75
C PRO A 17 -6.27 0.01 19.97
N PRO A 18 -6.42 0.52 21.20
CA PRO A 18 -5.98 -0.19 22.42
C PRO A 18 -6.17 -1.73 22.43
N ARG A 19 -7.38 -2.19 22.14
CA ARG A 19 -7.70 -3.61 22.09
C ARG A 19 -8.23 -3.94 20.69
N ILE A 20 -7.75 -5.02 20.06
CA ILE A 20 -8.19 -5.37 18.71
C ILE A 20 -8.44 -6.86 18.45
N LEU A 21 -9.38 -7.15 17.57
CA LEU A 21 -9.75 -8.51 17.25
C LEU A 21 -8.71 -9.15 16.31
N VAL A 22 -8.13 -10.26 16.75
CA VAL A 22 -7.13 -10.97 15.96
C VAL A 22 -7.65 -12.36 15.60
N GLU A 23 -7.71 -12.64 14.29
CA GLU A 23 -8.15 -13.95 13.85
C GLU A 23 -6.99 -14.93 13.87
N CYS A 24 -7.15 -15.98 14.66
CA CYS A 24 -6.16 -17.03 14.83
C CYS A 24 -6.60 -18.31 14.13
N LEU A 25 -5.66 -18.96 13.45
CA LEU A 25 -5.93 -20.07 12.57
C LEU A 25 -5.19 -21.26 13.16
N LEU A 26 -5.91 -22.04 13.95
CA LEU A 26 -5.33 -23.13 14.71
C LEU A 26 -5.00 -24.31 13.82
N PRO A 27 -4.03 -25.14 14.23
CA PRO A 27 -3.58 -26.27 13.42
C PRO A 27 -4.51 -27.47 13.46
N ASN A 28 -5.60 -27.41 14.22
CA ASN A 28 -6.71 -28.39 14.10
C ASN A 28 -7.77 -27.92 13.12
N GLY A 29 -7.48 -26.86 12.36
CA GLY A 29 -8.42 -26.34 11.38
C GLY A 29 -9.36 -25.23 11.88
N MSE A 30 -9.42 -25.01 13.19
CA MSE A 30 -10.40 -24.08 13.76
C MSE A 30 -9.96 -22.63 13.62
O MSE A 30 -8.79 -22.32 13.72
CB MSE A 30 -10.63 -24.40 15.25
CG MSE A 30 -11.17 -25.76 15.54
SE MSE A 30 -12.86 -26.18 14.61
CE MSE A 30 -12.20 -27.29 13.23
N ILE A 31 -10.92 -21.74 13.36
CA ILE A 31 -10.70 -20.30 13.47
C ILE A 31 -11.30 -19.78 14.77
N VAL A 32 -10.52 -18.99 15.50
CA VAL A 32 -11.00 -18.33 16.71
C VAL A 32 -10.60 -16.87 16.71
N THR A 33 -11.54 -16.06 17.13
CA THR A 33 -11.36 -14.64 17.12
C THR A 33 -11.05 -14.25 18.55
N LEU A 34 -10.00 -13.47 18.71
CA LEU A 34 -9.45 -13.18 20.01
C LEU A 34 -9.13 -11.70 20.17
N GLU A 35 -9.57 -11.11 21.27
CA GLU A 35 -9.27 -9.70 21.56
C GLU A 35 -7.88 -9.57 22.22
N CYS A 36 -7.05 -8.70 21.67
CA CYS A 36 -5.71 -8.50 22.17
C CYS A 36 -5.44 -7.05 22.45
N LEU A 37 -4.66 -6.81 23.50
CA LEU A 37 -3.98 -5.56 23.65
C LEU A 37 -3.02 -5.44 22.46
N ARG A 38 -3.09 -4.35 21.71
CA ARG A 38 -2.11 -4.10 20.65
C ARG A 38 -0.66 -4.23 21.14
N GLU A 39 -0.42 -3.96 22.41
CA GLU A 39 0.94 -3.94 22.97
C GLU A 39 1.42 -5.35 23.37
N ALA A 40 0.50 -6.29 23.56
CA ALA A 40 0.83 -7.64 24.03
C ALA A 40 1.89 -8.34 23.18
N THR A 41 2.76 -9.09 23.84
CA THR A 41 3.80 -9.84 23.16
C THR A 41 3.19 -11.12 22.58
N LEU A 42 3.83 -11.70 21.57
CA LEU A 42 3.27 -12.88 20.93
C LEU A 42 3.17 -14.04 21.92
N ILE A 43 4.09 -14.11 22.87
CA ILE A 43 4.08 -15.18 23.84
C ILE A 43 2.87 -15.15 24.79
N THR A 44 2.40 -13.97 25.18
CA THR A 44 1.20 -13.88 26.01
C THR A 44 -0.04 -14.06 25.17
N ILE A 45 0.01 -13.65 23.91
CA ILE A 45 -1.09 -13.93 22.99
C ILE A 45 -1.23 -15.43 22.71
N LYS A 46 -0.13 -16.14 22.55
CA LYS A 46 -0.14 -17.59 22.31
C LYS A 46 -0.76 -18.27 23.51
N HIS A 47 -0.51 -17.68 24.67
CA HIS A 47 -1.07 -18.18 25.90
C HIS A 47 -2.57 -17.97 25.97
N GLU A 48 -3.04 -16.73 25.80
CA GLU A 48 -4.47 -16.47 25.77
C GLU A 48 -5.15 -17.40 24.75
N LEU A 49 -4.49 -17.56 23.60
CA LEU A 49 -5.06 -18.29 22.50
C LEU A 49 -5.31 -19.76 22.86
N PHE A 50 -4.35 -20.40 23.51
CA PHE A 50 -4.50 -21.82 23.78
C PHE A 50 -5.45 -22.07 24.95
N LYS A 51 -5.70 -21.04 25.77
CA LYS A 51 -6.76 -21.08 26.79
C LYS A 51 -8.08 -21.03 26.06
N GLU A 52 -8.23 -20.05 25.18
CA GLU A 52 -9.45 -19.88 24.40
C GLU A 52 -9.79 -21.11 23.54
N ALA A 53 -8.77 -21.83 23.04
CA ALA A 53 -8.98 -23.00 22.17
C ALA A 53 -9.78 -24.16 22.80
N ARG A 54 -9.73 -24.24 24.12
CA ARG A 54 -10.40 -25.31 24.83
C ARG A 54 -11.92 -25.14 24.78
N LYS A 55 -12.38 -23.91 24.54
CA LYS A 55 -13.79 -23.62 24.31
C LYS A 55 -14.25 -24.01 22.90
N TYR A 56 -13.34 -24.54 22.07
CA TYR A 56 -13.63 -24.85 20.66
C TYR A 56 -13.43 -26.34 20.36
N PRO A 57 -14.03 -26.83 19.28
CA PRO A 57 -13.92 -28.25 18.91
C PRO A 57 -12.49 -28.66 18.60
N LEU A 58 -12.22 -29.95 18.76
CA LEU A 58 -10.94 -30.55 18.41
C LEU A 58 -9.76 -29.95 19.19
N HIS A 59 -10.02 -29.58 20.45
CA HIS A 59 -9.00 -29.03 21.33
C HIS A 59 -8.07 -30.10 21.88
N GLN A 60 -8.47 -31.36 21.79
CA GLN A 60 -7.65 -32.47 22.23
C GLN A 60 -6.51 -32.78 21.24
N LEU A 61 -6.64 -32.31 20.00
CA LEU A 61 -5.60 -32.50 19.00
C LEU A 61 -4.44 -31.51 19.13
N LEU A 62 -4.51 -30.60 20.11
CA LEU A 62 -3.46 -29.63 20.31
C LEU A 62 -2.36 -30.11 21.25
N GLN A 63 -1.10 -29.98 20.83
CA GLN A 63 0.05 -30.22 21.68
C GLN A 63 0.20 -29.01 22.56
N ASP A 64 1.23 -28.99 23.39
CA ASP A 64 1.47 -27.85 24.25
C ASP A 64 1.70 -26.57 23.40
N GLU A 65 1.27 -25.43 23.91
CA GLU A 65 1.36 -24.18 23.17
C GLU A 65 2.78 -23.86 22.72
N SER A 66 3.79 -24.35 23.43
CA SER A 66 5.17 -24.06 23.13
C SER A 66 5.69 -24.77 21.88
N SER A 67 4.99 -25.80 21.40
CA SER A 67 5.38 -26.47 20.16
C SER A 67 5.07 -25.65 18.92
N TYR A 68 4.31 -24.56 19.09
CA TYR A 68 3.77 -23.82 17.96
C TYR A 68 4.33 -22.40 17.82
N ILE A 69 4.30 -21.94 16.58
CA ILE A 69 4.87 -20.67 16.21
C ILE A 69 3.83 -19.99 15.35
N PHE A 70 3.80 -18.67 15.40
CA PHE A 70 2.85 -17.91 14.59
C PHE A 70 3.46 -17.54 13.26
N VAL A 71 2.61 -17.46 12.23
CA VAL A 71 2.96 -17.03 10.89
C VAL A 71 1.93 -16.00 10.45
N SER A 72 2.36 -14.99 9.69
CA SER A 72 1.44 -14.00 9.15
C SER A 72 2.06 -13.29 7.96
N VAL A 73 1.34 -12.31 7.44
CA VAL A 73 1.78 -11.56 6.28
C VAL A 73 2.02 -10.10 6.67
N THR A 74 3.18 -9.56 6.29
CA THR A 74 3.50 -8.16 6.62
C THR A 74 2.92 -7.24 5.59
N GLN A 75 2.98 -5.95 5.89
CA GLN A 75 2.49 -4.92 4.99
C GLN A 75 3.30 -4.86 3.69
N GLU A 76 4.50 -5.43 3.71
CA GLU A 76 5.35 -5.56 2.54
C GLU A 76 5.10 -6.89 1.78
N ALA A 77 4.00 -7.57 2.10
CA ALA A 77 3.57 -8.78 1.39
C ALA A 77 4.45 -10.02 1.58
N GLU A 78 5.26 -10.05 2.63
CA GLU A 78 6.07 -11.23 2.92
C GLU A 78 5.46 -12.07 4.03
N ARG A 79 5.70 -13.35 3.93
CA ARG A 79 5.18 -14.32 4.86
C ARG A 79 6.24 -14.43 5.91
N GLU A 80 5.88 -14.19 7.17
CA GLU A 80 6.86 -14.17 8.25
C GLU A 80 6.52 -15.17 9.34
N GLU A 81 7.54 -15.91 9.80
CA GLU A 81 7.46 -16.82 10.93
C GLU A 81 8.13 -16.16 12.13
N PHE A 82 7.41 -16.03 13.23
CA PHE A 82 7.81 -15.23 14.36
C PHE A 82 8.37 -16.14 15.44
N PHE A 83 9.66 -16.41 15.37
CA PHE A 83 10.31 -17.16 16.42
C PHE A 83 10.61 -16.35 17.68
N ASP A 84 10.67 -15.03 17.53
CA ASP A 84 10.92 -14.10 18.64
C ASP A 84 9.54 -13.66 19.15
N GLU A 85 9.09 -14.32 20.22
CA GLU A 85 7.76 -14.12 20.75
C GLU A 85 7.70 -13.03 21.81
N THR A 86 8.82 -12.35 22.08
CA THR A 86 8.79 -11.14 22.89
C THR A 86 8.34 -9.94 22.08
N ARG A 87 8.38 -10.06 20.75
CA ARG A 87 7.96 -8.96 19.89
C ARG A 87 6.50 -8.63 20.16
N ARG A 88 6.14 -7.36 20.00
CA ARG A 88 4.81 -6.88 20.33
C ARG A 88 3.97 -6.90 19.08
N LEU A 89 2.65 -7.07 19.26
CA LEU A 89 1.73 -7.22 18.14
C LEU A 89 1.75 -6.01 17.24
N CYS A 90 1.84 -4.81 17.82
CA CYS A 90 1.89 -3.57 17.05
C CYS A 90 3.17 -3.36 16.21
N ASP A 91 4.31 -3.99 16.60
CA ASP A 91 5.58 -3.87 15.86
C ASP A 91 5.77 -4.92 14.75
N LEU A 92 4.80 -5.81 14.57
CA LEU A 92 4.91 -6.89 13.60
C LEU A 92 4.69 -6.43 12.16
N ARG A 93 3.97 -5.32 11.98
CA ARG A 93 3.69 -4.75 10.66
C ARG A 93 2.78 -5.65 9.84
N LEU A 94 1.75 -6.15 10.53
CA LEU A 94 0.75 -7.01 9.94
C LEU A 94 -0.15 -6.29 8.93
N PHE A 95 -0.21 -6.85 7.73
CA PHE A 95 -1.16 -6.45 6.71
C PHE A 95 -2.57 -6.49 7.26
N GLN A 96 -2.89 -7.58 7.94
CA GLN A 96 -4.21 -7.79 8.52
C GLN A 96 -4.02 -8.42 9.89
N PRO A 97 -4.92 -8.13 10.82
CA PRO A 97 -4.86 -8.78 12.13
C PRO A 97 -5.28 -10.25 12.10
N PHE A 98 -4.41 -11.13 11.61
CA PHE A 98 -4.55 -12.57 11.81
C PHE A 98 -3.19 -13.21 12.02
N LEU A 99 -3.23 -14.42 12.58
CA LEU A 99 -2.04 -15.21 12.90
C LEU A 99 -2.36 -16.67 12.66
N LYS A 100 -1.60 -17.31 11.81
CA LYS A 100 -1.73 -18.72 11.61
C LYS A 100 -0.77 -19.46 12.54
N VAL A 101 -1.22 -20.56 13.11
CA VAL A 101 -0.46 -21.30 14.12
C VAL A 101 0.06 -22.56 13.48
N ILE A 102 1.38 -22.72 13.43
CA ILE A 102 2.00 -23.93 12.85
C ILE A 102 2.97 -24.59 13.78
N GLU A 103 3.08 -25.90 13.67
CA GLU A 103 4.26 -26.61 14.13
C GLU A 103 5.29 -26.45 13.04
N PRO A 104 6.39 -25.74 13.30
CA PRO A 104 7.37 -25.46 12.25
C PRO A 104 8.04 -26.72 11.70
N VAL A 105 8.02 -27.80 12.51
CA VAL A 105 8.53 -29.14 12.16
C VAL A 105 9.98 -29.07 11.76
N TYR B 1 29.80 40.62 -22.78
CA TYR B 1 28.59 40.72 -21.92
C TYR B 1 28.50 42.05 -21.16
N GLN B 2 29.34 42.19 -20.13
CA GLN B 2 29.21 43.23 -19.10
C GLN B 2 28.99 44.67 -19.57
N GLN B 3 29.96 45.25 -20.30
CA GLN B 3 29.96 46.69 -20.57
C GLN B 3 28.98 47.10 -21.69
N ASP B 4 28.58 48.37 -21.63
CA ASP B 4 27.50 48.89 -22.47
C ASP B 4 27.94 48.90 -23.94
N GLN B 5 27.04 48.48 -24.82
CA GLN B 5 27.35 48.23 -26.22
C GLN B 5 27.05 49.46 -27.12
N VAL B 6 27.59 49.44 -28.34
CA VAL B 6 27.34 50.48 -29.37
C VAL B 6 26.27 50.07 -30.42
N VAL B 7 25.01 49.94 -29.98
CA VAL B 7 23.87 49.59 -30.86
C VAL B 7 22.62 50.42 -30.52
N LYS B 8 21.70 50.51 -31.49
CA LYS B 8 20.49 51.34 -31.36
C LYS B 8 19.63 50.91 -30.17
N GLU B 9 19.14 51.89 -29.42
CA GLU B 9 18.30 51.67 -28.23
C GLU B 9 16.91 51.12 -28.59
N ASP B 10 16.46 51.41 -29.81
CA ASP B 10 15.14 51.01 -30.31
C ASP B 10 15.03 49.48 -30.40
N ASN B 11 16.07 48.88 -30.97
CA ASN B 11 16.18 47.43 -31.10
C ASN B 11 16.21 46.70 -29.75
N ILE B 12 16.78 47.36 -28.74
CA ILE B 12 16.91 46.78 -27.41
C ILE B 12 15.57 46.72 -26.66
N GLU B 13 14.77 47.78 -26.81
CA GLU B 13 13.46 47.87 -26.14
C GLU B 13 12.47 46.85 -26.70
N ALA B 14 12.52 46.65 -28.02
CA ALA B 14 11.64 45.68 -28.70
C ALA B 14 11.95 44.23 -28.29
N VAL B 15 13.24 43.93 -28.15
CA VAL B 15 13.71 42.60 -27.78
C VAL B 15 13.41 42.36 -26.31
N GLY B 16 13.40 43.44 -25.53
CA GLY B 16 13.14 43.40 -24.11
C GLY B 16 11.68 43.11 -23.83
N LYS B 17 10.81 43.66 -24.67
CA LYS B 17 9.36 43.41 -24.58
C LYS B 17 9.10 41.95 -24.89
N LYS B 18 9.87 41.40 -25.82
CA LYS B 18 9.74 40.00 -26.24
C LYS B 18 10.25 39.04 -25.16
N LEU B 19 11.41 39.34 -24.58
CA LEU B 19 11.87 38.65 -23.38
C LEU B 19 10.73 38.59 -22.36
N HIS B 20 10.08 39.73 -22.13
CA HIS B 20 9.02 39.78 -21.13
C HIS B 20 7.87 38.84 -21.50
N LYS B 21 7.35 38.97 -22.72
CA LYS B 21 6.25 38.12 -23.19
C LYS B 21 6.59 36.63 -23.06
N TYR B 22 7.81 36.24 -23.43
CA TYR B 22 8.20 34.83 -23.48
C TYR B 22 8.52 34.26 -22.08
N ASN B 23 8.95 35.11 -21.16
CA ASN B 23 9.14 34.71 -19.75
C ASN B 23 7.80 34.47 -19.06
N THR B 24 6.83 35.33 -19.32
CA THR B 24 5.48 35.20 -18.79
C THR B 24 4.85 33.89 -19.26
N GLN B 25 5.03 33.62 -20.55
CA GLN B 25 4.44 32.46 -21.22
C GLN B 25 5.04 31.19 -20.67
N PHE B 26 6.36 31.17 -20.55
CA PHE B 26 7.10 30.06 -19.99
C PHE B 26 6.68 29.81 -18.55
N GLN B 27 6.58 30.88 -17.78
CA GLN B 27 6.23 30.77 -16.37
C GLN B 27 4.86 30.16 -16.18
N GLU B 28 3.94 30.51 -17.05
CA GLU B 28 2.58 30.00 -16.99
C GLU B 28 2.56 28.48 -17.20
N LYS B 29 3.26 28.01 -18.23
CA LYS B 29 3.33 26.58 -18.50
C LYS B 29 4.00 25.78 -17.39
N SER B 30 5.06 26.35 -16.84
CA SER B 30 5.82 25.73 -15.78
C SER B 30 5.00 25.56 -14.52
N ARG B 31 4.25 26.58 -14.16
CA ARG B 31 3.32 26.50 -13.03
C ARG B 31 2.31 25.36 -13.30
N GLU B 32 1.85 25.28 -14.54
CA GLU B 32 0.85 24.27 -14.94
C GLU B 32 1.45 22.88 -14.86
N TYR B 33 2.70 22.76 -15.31
CA TYR B 33 3.38 21.50 -15.36
C TYR B 33 3.58 20.95 -13.94
N ASP B 34 3.95 21.84 -13.03
CA ASP B 34 4.23 21.50 -11.65
C ASP B 34 3.02 21.06 -10.87
N ARG B 35 1.86 21.68 -11.10
CA ARG B 35 0.65 21.26 -10.41
C ARG B 35 0.37 19.81 -10.76
N LEU B 36 0.50 19.49 -12.06
CA LEU B 36 0.30 18.12 -12.51
C LEU B 36 1.32 17.19 -11.94
N TYR B 37 2.58 17.64 -11.94
CA TYR B 37 3.69 16.82 -11.44
C TYR B 37 3.39 16.43 -9.99
N GLU B 38 2.85 17.35 -9.20
CA GLU B 38 2.49 17.03 -7.80
C GLU B 38 1.46 15.91 -7.71
N GLU B 39 0.39 16.02 -8.48
CA GLU B 39 -0.61 14.94 -8.50
C GLU B 39 -0.06 13.66 -9.11
N TYR B 40 0.83 13.78 -10.11
CA TYR B 40 1.51 12.62 -10.69
C TYR B 40 2.30 11.83 -9.68
N THR B 41 3.00 12.53 -8.82
CA THR B 41 3.81 11.89 -7.80
C THR B 41 2.97 11.19 -6.74
N ARG B 42 1.92 11.84 -6.24
CA ARG B 42 1.10 11.29 -5.18
C ARG B 42 0.34 10.08 -5.71
N THR B 43 -0.04 10.13 -6.98
CA THR B 43 -0.74 9.05 -7.64
C THR B 43 0.20 7.87 -7.80
N SER B 44 1.47 8.14 -8.06
CA SER B 44 2.43 7.08 -8.33
C SER B 44 2.72 6.31 -7.05
N GLN B 45 2.72 7.01 -5.94
CA GLN B 45 2.98 6.39 -4.66
C GLN B 45 1.77 5.57 -4.22
N GLU B 46 0.57 6.12 -4.35
CA GLU B 46 -0.63 5.39 -4.00
C GLU B 46 -0.75 4.11 -4.84
N ILE B 47 -0.35 4.19 -6.11
CA ILE B 47 -0.40 3.04 -7.03
C ILE B 47 0.55 1.95 -6.53
N GLN B 48 1.73 2.37 -6.10
CA GLN B 48 2.74 1.43 -5.63
C GLN B 48 2.32 0.76 -4.32
N MSE B 49 1.64 1.51 -3.46
CA MSE B 49 1.02 0.95 -2.26
C MSE B 49 -0.06 -0.08 -2.56
O MSE B 49 -0.18 -1.08 -1.85
CB MSE B 49 0.36 2.07 -1.47
CG MSE B 49 0.97 2.29 -0.16
SE MSE B 49 0.97 4.17 0.22
CE MSE B 49 2.05 4.04 1.91
N LYS B 50 -0.87 0.18 -3.58
CA LYS B 50 -1.96 -0.71 -3.95
C LYS B 50 -1.43 -2.01 -4.55
N ARG B 51 -0.35 -1.96 -5.32
CA ARG B 51 0.22 -3.18 -5.91
C ARG B 51 0.76 -4.11 -4.82
N THR B 52 1.44 -3.53 -3.84
CA THR B 52 2.00 -4.25 -2.70
C THR B 52 0.86 -4.88 -1.90
N ALA B 53 -0.19 -4.11 -1.63
CA ALA B 53 -1.33 -4.59 -0.86
C ALA B 53 -2.08 -5.71 -1.59
N ILE B 54 -2.07 -5.69 -2.92
CA ILE B 54 -2.68 -6.78 -3.69
C ILE B 54 -1.85 -8.05 -3.47
N GLU B 55 -0.53 -7.90 -3.55
CA GLU B 55 0.38 -8.98 -3.27
C GLU B 55 0.19 -9.57 -1.87
N ALA B 56 -0.12 -8.73 -0.88
CA ALA B 56 -0.29 -9.18 0.50
C ALA B 56 -1.65 -9.88 0.69
N PHE B 57 -2.62 -9.48 -0.12
CA PHE B 57 -3.89 -10.15 -0.23
C PHE B 57 -3.67 -11.51 -0.85
N ASN B 58 -2.91 -11.56 -1.94
CA ASN B 58 -2.63 -12.83 -2.60
C ASN B 58 -2.06 -13.82 -1.61
N GLU B 59 -1.13 -13.35 -0.79
CA GLU B 59 -0.43 -14.22 0.15
C GLU B 59 -1.28 -14.60 1.38
N THR B 60 -2.10 -13.64 1.81
CA THR B 60 -3.06 -13.83 2.88
C THR B 60 -4.08 -14.90 2.50
N ILE B 61 -4.57 -14.80 1.26
CA ILE B 61 -5.51 -15.78 0.72
C ILE B 61 -4.92 -17.17 0.62
N LYS B 62 -3.67 -17.27 0.19
CA LYS B 62 -2.99 -18.58 0.20
C LYS B 62 -3.11 -19.22 1.60
N ILE B 63 -2.82 -18.43 2.64
CA ILE B 63 -2.76 -18.95 4.00
C ILE B 63 -4.10 -19.41 4.52
N PHE B 64 -5.13 -18.64 4.26
CA PHE B 64 -6.47 -19.05 4.62
C PHE B 64 -6.91 -20.26 3.80
N GLU B 65 -6.46 -20.38 2.56
CA GLU B 65 -6.78 -21.55 1.72
C GLU B 65 -6.11 -22.78 2.34
N GLU B 66 -4.86 -22.65 2.77
CA GLU B 66 -4.16 -23.76 3.41
C GLU B 66 -4.85 -24.16 4.69
N GLN B 67 -5.41 -23.18 5.40
CA GLN B 67 -6.16 -23.47 6.62
C GLN B 67 -7.37 -24.34 6.30
N CYS B 68 -7.99 -24.08 5.15
CA CYS B 68 -9.10 -24.88 4.67
C CYS B 68 -8.69 -26.33 4.42
N GLN B 69 -7.49 -26.56 3.87
CA GLN B 69 -7.00 -27.93 3.62
C GLN B 69 -6.71 -28.67 4.92
N THR B 70 -6.21 -27.93 5.91
CA THR B 70 -5.99 -28.42 7.25
C THR B 70 -7.29 -28.89 7.89
N GLN B 71 -8.37 -28.11 7.78
CA GLN B 71 -9.62 -28.49 8.46
C GLN B 71 -10.38 -29.65 7.80
N GLU B 72 -10.32 -29.81 6.48
CA GLU B 72 -11.02 -30.96 5.89
C GLU B 72 -10.33 -32.27 6.26
N ARG B 73 -8.99 -32.21 6.37
CA ARG B 73 -8.15 -33.36 6.70
C ARG B 73 -8.05 -33.70 8.19
N TYR B 74 -8.40 -32.78 9.09
CA TYR B 74 -8.37 -33.04 10.53
C TYR B 74 -9.77 -33.45 10.99
N SER B 75 -10.78 -32.95 10.31
CA SER B 75 -12.17 -33.21 10.65
C SER B 75 -12.77 -34.33 9.80
N LYS B 76 -12.02 -34.82 8.82
CA LYS B 76 -12.39 -36.05 8.10
C LYS B 76 -12.52 -37.10 9.19
N GLU B 77 -11.41 -37.28 9.89
CA GLU B 77 -11.25 -38.31 10.91
C GLU B 77 -12.39 -38.28 11.90
N TYR B 78 -12.56 -37.13 12.53
CA TYR B 78 -13.38 -37.01 13.73
C TYR B 78 -14.89 -36.93 13.44
N ILE B 79 -15.26 -36.54 12.23
CA ILE B 79 -16.68 -36.52 11.86
C ILE B 79 -17.22 -37.94 11.71
N GLU B 80 -16.41 -38.83 11.14
CA GLU B 80 -16.81 -40.23 10.92
C GLU B 80 -16.91 -41.00 12.24
N LYS B 81 -16.09 -40.63 13.20
CA LYS B 81 -16.17 -41.17 14.55
C LYS B 81 -17.38 -40.63 15.34
N PHE B 82 -17.78 -39.39 15.04
CA PHE B 82 -18.77 -38.68 15.85
C PHE B 82 -20.23 -39.07 15.58
N LYS B 83 -20.62 -39.21 14.32
CA LYS B 83 -21.98 -39.65 13.98
C LYS B 83 -22.22 -41.16 14.31
N ARG B 84 -21.16 -41.88 14.67
CA ARG B 84 -21.29 -43.21 15.26
C ARG B 84 -21.67 -43.12 16.74
N GLU B 85 -21.13 -42.12 17.45
CA GLU B 85 -21.55 -41.83 18.83
C GLU B 85 -22.71 -40.81 18.92
N GLY B 86 -23.31 -40.48 17.77
CA GLY B 86 -24.49 -39.62 17.69
C GLY B 86 -24.36 -38.18 18.18
N ASN B 87 -23.15 -37.61 18.10
CA ASN B 87 -22.90 -36.24 18.54
C ASN B 87 -23.03 -35.23 17.40
N GLU B 88 -24.27 -34.96 17.00
CA GLU B 88 -24.56 -34.00 15.92
C GLU B 88 -24.46 -32.55 16.40
N LYS B 89 -24.21 -32.35 17.70
CA LYS B 89 -23.97 -31.01 18.26
C LYS B 89 -22.55 -30.55 17.93
N GLU B 90 -21.61 -31.46 18.09
CA GLU B 90 -20.20 -31.19 17.89
C GLU B 90 -19.84 -31.16 16.40
N ILE B 91 -20.49 -32.00 15.60
CA ILE B 91 -20.39 -31.92 14.14
C ILE B 91 -20.92 -30.56 13.69
N GLN B 92 -22.02 -30.13 14.29
CA GLN B 92 -22.63 -28.83 13.99
C GLN B 92 -21.63 -27.71 14.28
N ARG B 93 -20.90 -27.85 15.37
CA ARG B 93 -19.99 -26.80 15.83
C ARG B 93 -18.78 -26.67 14.92
N ILE B 94 -18.22 -27.82 14.55
CA ILE B 94 -17.18 -27.90 13.55
C ILE B 94 -17.62 -27.28 12.23
N MSE B 95 -18.82 -27.60 11.76
CA MSE B 95 -19.34 -27.02 10.51
C MSE B 95 -19.60 -25.54 10.63
O MSE B 95 -19.39 -24.81 9.67
CB MSE B 95 -20.61 -27.72 10.06
CG MSE B 95 -20.38 -29.17 9.63
SE MSE B 95 -22.07 -30.06 9.01
CE MSE B 95 -22.15 -29.23 7.12
N HIS B 96 -20.07 -25.08 11.78
CA HIS B 96 -20.27 -23.65 12.00
C HIS B 96 -18.94 -22.90 11.93
N ASN B 97 -17.91 -23.49 12.50
CA ASN B 97 -16.63 -22.83 12.57
C ASN B 97 -16.06 -22.80 11.16
N TYR B 98 -16.28 -23.88 10.43
CA TYR B 98 -15.86 -23.95 9.04
C TYR B 98 -16.56 -22.92 8.15
N ASP B 99 -17.84 -22.68 8.39
CA ASP B 99 -18.60 -21.73 7.58
C ASP B 99 -18.02 -20.35 7.78
N LYS B 100 -17.65 -20.08 9.03
CA LYS B 100 -17.05 -18.82 9.45
C LYS B 100 -15.73 -18.59 8.68
N LEU B 101 -14.92 -19.62 8.58
CA LEU B 101 -13.64 -19.52 7.89
C LEU B 101 -13.83 -19.25 6.39
N LYS B 102 -14.79 -19.91 5.76
CA LYS B 102 -15.02 -19.75 4.33
C LYS B 102 -15.65 -18.40 4.04
N SER B 103 -16.44 -17.91 4.99
CA SER B 103 -17.08 -16.62 4.88
C SER B 103 -16.01 -15.52 4.91
N ARG B 104 -15.09 -15.63 5.85
CA ARG B 104 -13.99 -14.70 5.97
C ARG B 104 -13.06 -14.77 4.74
N ILE B 105 -12.87 -15.95 4.14
CA ILE B 105 -12.04 -16.05 2.94
C ILE B 105 -12.67 -15.28 1.81
N SER B 106 -13.97 -15.49 1.62
CA SER B 106 -14.69 -14.78 0.61
C SER B 106 -14.75 -13.25 0.85
N GLU B 107 -14.77 -12.79 2.11
CA GLU B 107 -14.68 -11.34 2.38
C GLU B 107 -13.30 -10.83 1.92
N ILE B 108 -12.24 -11.57 2.23
CA ILE B 108 -10.90 -11.18 1.79
C ILE B 108 -10.72 -11.18 0.27
N ILE B 109 -11.27 -12.17 -0.44
CA ILE B 109 -11.17 -12.25 -1.91
C ILE B 109 -11.91 -11.07 -2.55
N ASP B 110 -12.98 -10.65 -1.89
CA ASP B 110 -13.87 -9.56 -2.31
C ASP B 110 -13.09 -8.26 -2.21
N SER B 111 -12.42 -8.08 -1.08
CA SER B 111 -11.59 -6.91 -0.80
C SER B 111 -10.45 -6.76 -1.80
N ARG B 112 -9.83 -7.89 -2.17
CA ARG B 112 -8.78 -7.89 -3.19
C ARG B 112 -9.35 -7.45 -4.55
N ARG B 113 -10.53 -7.97 -4.92
CA ARG B 113 -11.15 -7.64 -6.21
C ARG B 113 -11.37 -6.14 -6.31
N ARG B 114 -11.94 -5.58 -5.24
CA ARG B 114 -12.15 -4.14 -5.08
C ARG B 114 -10.88 -3.35 -5.31
N LEU B 115 -9.82 -3.73 -4.63
CA LEU B 115 -8.57 -3.03 -4.77
C LEU B 115 -8.02 -3.17 -6.19
N GLU B 116 -8.25 -4.31 -6.84
CA GLU B 116 -7.77 -4.51 -8.21
C GLU B 116 -8.47 -3.53 -9.13
N GLU B 117 -9.77 -3.37 -8.93
CA GLU B 117 -10.60 -2.50 -9.76
C GLU B 117 -10.22 -1.03 -9.50
N ASP B 118 -9.96 -0.65 -8.26
CA ASP B 118 -9.47 0.70 -7.94
C ASP B 118 -8.08 1.00 -8.46
N LEU B 119 -7.22 0.00 -8.45
CA LEU B 119 -5.93 0.12 -9.09
C LEU B 119 -6.09 0.33 -10.58
N LYS B 120 -7.08 -0.32 -11.19
CA LYS B 120 -7.34 -0.17 -12.62
C LYS B 120 -7.75 1.28 -12.96
N LYS B 121 -8.70 1.84 -12.20
CA LYS B 121 -9.17 3.21 -12.40
C LYS B 121 -8.08 4.24 -12.11
N GLN B 122 -7.29 4.02 -11.07
CA GLN B 122 -6.27 4.99 -10.69
C GLN B 122 -5.08 4.95 -11.65
N ALA B 123 -4.83 3.79 -12.24
CA ALA B 123 -3.73 3.63 -13.17
C ALA B 123 -4.06 4.37 -14.45
N ALA B 124 -5.36 4.48 -14.73
CA ALA B 124 -5.84 5.24 -15.88
C ALA B 124 -5.77 6.76 -15.66
N GLU B 125 -6.15 7.24 -14.47
CA GLU B 125 -5.95 8.63 -14.09
C GLU B 125 -4.48 9.01 -14.33
N TYR B 126 -3.60 8.16 -13.79
CA TYR B 126 -2.14 8.28 -13.92
C TYR B 126 -1.68 8.43 -15.38
N ARG B 127 -2.23 7.60 -16.26
CA ARG B 127 -1.89 7.66 -17.69
C ARG B 127 -2.35 9.00 -18.29
N GLU B 128 -3.53 9.45 -17.90
CA GLU B 128 -4.05 10.75 -18.32
C GLU B 128 -3.23 11.92 -17.75
N ILE B 129 -2.69 11.79 -16.52
CA ILE B 129 -1.86 12.86 -15.98
C ILE B 129 -0.63 12.95 -16.88
N ASP B 130 -0.09 11.79 -17.22
CA ASP B 130 1.11 11.70 -18.04
C ASP B 130 0.95 12.29 -19.44
N LYS B 131 -0.19 12.09 -20.07
CA LYS B 131 -0.45 12.59 -21.42
C LYS B 131 -0.54 14.13 -21.39
N ARG B 132 -1.21 14.66 -20.39
CA ARG B 132 -1.34 16.11 -20.23
C ARG B 132 0.04 16.75 -20.05
N MSE B 133 0.86 16.13 -19.20
CA MSE B 133 2.24 16.55 -18.92
C MSE B 133 3.10 16.50 -20.17
O MSE B 133 3.84 17.44 -20.43
CB MSE B 133 2.86 15.65 -17.82
CG MSE B 133 2.35 15.98 -16.42
SE MSE B 133 3.20 15.03 -14.96
CE MSE B 133 4.87 15.78 -14.96
N ASN B 134 3.02 15.40 -20.92
CA ASN B 134 3.74 15.26 -22.18
C ASN B 134 3.33 16.29 -23.22
N SER B 135 2.09 16.76 -23.16
CA SER B 135 1.58 17.75 -24.11
C SER B 135 2.17 19.12 -23.80
N ILE B 136 2.47 19.36 -22.53
CA ILE B 136 2.99 20.64 -22.06
C ILE B 136 4.49 20.74 -22.20
N LYS B 137 5.20 19.66 -21.90
CA LYS B 137 6.65 19.70 -21.73
C LYS B 137 7.34 20.35 -22.94
N PRO B 138 7.08 19.90 -24.16
CA PRO B 138 7.81 20.41 -25.33
C PRO B 138 7.64 21.92 -25.47
N ASP B 139 6.45 22.36 -25.12
CA ASP B 139 6.06 23.76 -25.13
C ASP B 139 6.77 24.53 -24.05
N LEU B 140 6.72 24.00 -22.83
CA LEU B 140 7.45 24.57 -21.71
C LEU B 140 8.93 24.75 -22.05
N ILE B 141 9.55 23.72 -22.61
CA ILE B 141 10.98 23.73 -22.91
C ILE B 141 11.31 24.76 -23.98
N GLN B 142 10.43 24.88 -24.97
CA GLN B 142 10.71 25.69 -26.16
C GLN B 142 10.54 27.18 -25.87
N LEU B 143 9.56 27.48 -25.04
CA LEU B 143 9.35 28.84 -24.58
C LEU B 143 10.53 29.25 -23.73
N ARG B 144 11.02 28.34 -22.88
CA ARG B 144 12.10 28.70 -21.95
C ARG B 144 13.36 29.06 -22.70
N LYS B 145 13.63 28.34 -23.77
CA LYS B 145 14.87 28.49 -24.50
C LYS B 145 14.82 29.72 -25.39
N THR B 146 13.64 30.07 -25.88
CA THR B 146 13.46 31.34 -26.59
C THR B 146 13.62 32.47 -25.60
N ARG B 147 13.08 32.31 -24.41
CA ARG B 147 13.32 33.29 -23.36
C ARG B 147 14.83 33.44 -23.10
N ASP B 148 15.57 32.32 -22.97
CA ASP B 148 17.04 32.31 -22.85
C ASP B 148 17.78 32.98 -24.04
N GLN B 149 17.34 32.71 -25.27
CA GLN B 149 17.95 33.31 -26.45
C GLN B 149 17.87 34.82 -26.37
N TYR B 150 16.76 35.33 -25.88
CA TYR B 150 16.58 36.77 -25.76
C TYR B 150 17.33 37.31 -24.56
N LEU B 151 17.31 36.60 -23.43
CA LEU B 151 17.98 37.09 -22.23
C LEU B 151 19.45 37.29 -22.54
N MSE B 152 20.09 36.23 -23.04
CA MSE B 152 21.53 36.25 -23.31
C MSE B 152 21.92 37.32 -24.31
O MSE B 152 22.95 37.97 -24.13
CB MSE B 152 22.00 34.87 -23.78
CG MSE B 152 23.32 34.88 -24.50
SE MSE B 152 23.89 33.09 -25.05
CE MSE B 152 24.25 32.27 -23.20
N TRP B 153 21.14 37.51 -25.36
CA TRP B 153 21.38 38.58 -26.32
C TRP B 153 21.41 39.96 -25.64
N LEU B 154 20.43 40.23 -24.78
CA LEU B 154 20.37 41.48 -24.03
C LEU B 154 21.52 41.64 -23.01
N THR B 155 21.87 40.54 -22.35
CA THR B 155 22.96 40.54 -21.37
C THR B 155 24.25 40.91 -22.10
N GLN B 156 24.42 40.36 -23.30
CA GLN B 156 25.59 40.58 -24.14
C GLN B 156 25.75 42.01 -24.67
N LYS B 157 24.64 42.73 -24.86
CA LYS B 157 24.68 44.13 -25.26
C LYS B 157 24.78 45.07 -24.06
N GLY B 158 25.30 44.54 -22.95
CA GLY B 158 25.60 45.33 -21.77
C GLY B 158 24.41 45.96 -21.05
N VAL B 159 23.21 45.41 -21.26
CA VAL B 159 22.00 45.97 -20.66
C VAL B 159 22.06 45.87 -19.14
N ARG B 160 21.61 46.94 -18.47
CA ARG B 160 21.70 47.06 -17.01
C ARG B 160 20.82 46.01 -16.33
N GLN B 161 21.28 45.48 -15.21
CA GLN B 161 20.58 44.38 -14.54
C GLN B 161 19.19 44.80 -14.06
N LYS B 162 19.05 46.03 -13.58
CA LYS B 162 17.73 46.51 -13.11
C LYS B 162 16.72 46.61 -14.26
N LYS B 163 17.19 46.80 -15.49
CA LYS B 163 16.33 46.77 -16.67
C LYS B 163 15.89 45.34 -17.03
N LEU B 164 16.81 44.38 -16.93
CA LEU B 164 16.50 42.98 -17.15
C LEU B 164 15.54 42.42 -16.06
N ASN B 165 15.61 42.98 -14.86
CA ASN B 165 14.72 42.55 -13.76
C ASN B 165 13.31 43.02 -14.02
N GLU B 166 13.17 44.23 -14.57
CA GLU B 166 11.87 44.79 -14.89
C GLU B 166 11.12 43.87 -15.87
N TRP B 167 11.88 43.31 -16.80
CA TRP B 167 11.33 42.52 -17.90
C TRP B 167 11.03 41.07 -17.52
N LEU B 168 11.82 40.55 -16.57
CA LEU B 168 11.63 39.21 -15.99
C LEU B 168 10.62 39.24 -14.83
N GLY B 169 10.10 40.42 -14.49
CA GLY B 169 9.42 40.62 -13.22
C GLY B 169 8.04 40.02 -13.06
N ASN B 170 7.45 39.57 -14.18
CA ASN B 170 6.08 39.05 -14.19
C ASN B 170 5.94 37.85 -15.15
#